data_6T30
#
_entry.id   6T30
#
_cell.length_a   55.132
_cell.length_b   55.132
_cell.length_c   131.209
_cell.angle_alpha   90.000
_cell.angle_beta   90.000
_cell.angle_gamma   120.000
#
_symmetry.space_group_name_H-M   'P 32 2 1'
#
loop_
_entity.id
_entity.type
_entity.pdbx_description
1 polymer Streptavidin
2 non-polymer 5-[(3~{a}~{S},4~{S},6~{a}~{R})-2-oxidanylidene-1,3,3~{a},4,6,6~{a}-hexahydrothieno[3,4-d]imidazol-4-yl]-~{N}-(1-pyridin-4-ylpiperidin-4-yl)pentanamide
3 non-polymer 1,2-ETHANEDIOL
4 non-polymer GLYCEROL
5 water water
#
_entity_poly.entity_id   1
_entity_poly.type   'polypeptide(L)'
_entity_poly.pdbx_seq_one_letter_code
;MASMTGGQQMGRDEAGITGTWYNQLGSTFIVTAGADGALTGTYESAAGKAESRYVLTGRYDSAPATDGSGTALGWTVAWK
NNYRNAHSATTWSGQYVGGAEARINTQWLLTSGATEANGWASTLVGHDTFTKVKPSAASIDAAKKAGVNNGNPLDAVQQ
;
_entity_poly.pdbx_strand_id   B,A
#
loop_
_chem_comp.id
_chem_comp.type
_chem_comp.name
_chem_comp.formula
EDO non-polymer 1,2-ETHANEDIOL 'C2 H6 O2'
GOL non-polymer GLYCEROL 'C3 H8 O3'
HL9 non-polymer 5-[(3~{a}~{S},4~{S},6~{a}~{R})-2-oxidanylidene-1,3,3~{a},4,6,6~{a}-hexahydrothieno[3,4-d]imidazol-4-yl]-~{N}-(1-pyridin-4-ylpiperidin-4-yl)pentanamide 'C20 H29 N5 O2 S'
#
# COMPACT_ATOMS: atom_id res chain seq x y z
N GLY A 11 -16.40 16.87 -11.16
CA GLY A 11 -17.04 17.75 -10.18
C GLY A 11 -16.17 17.99 -8.97
N ARG A 12 -16.20 19.21 -8.41
CA ARG A 12 -15.29 19.61 -7.35
C ARG A 12 -15.82 19.21 -5.96
N ASP A 13 -14.88 18.78 -5.09
CA ASP A 13 -15.17 18.04 -3.88
C ASP A 13 -14.73 18.82 -2.64
N GLU A 14 -14.83 20.15 -2.70
CA GLU A 14 -14.47 20.98 -1.55
C GLU A 14 -15.17 20.50 -0.30
N ALA A 15 -16.49 20.31 -0.37
CA ALA A 15 -17.23 19.88 0.80
C ALA A 15 -17.08 18.39 1.08
N GLY A 16 -16.90 17.58 0.05
CA GLY A 16 -16.68 16.18 0.29
C GLY A 16 -15.41 15.94 1.09
N ILE A 17 -14.36 16.67 0.77
CA ILE A 17 -13.09 16.40 1.44
C ILE A 17 -13.00 17.08 2.80
N THR A 18 -13.49 18.31 2.91
CA THR A 18 -13.35 19.06 4.17
C THR A 18 -14.09 18.35 5.29
N GLY A 19 -13.39 18.08 6.39
CA GLY A 19 -14.04 17.54 7.58
C GLY A 19 -13.03 16.76 8.41
N THR A 20 -13.57 15.87 9.25
CA THR A 20 -12.76 15.04 10.14
C THR A 20 -12.79 13.62 9.59
N TRP A 21 -11.63 13.00 9.51
CA TRP A 21 -11.49 11.62 9.02
C TRP A 21 -10.70 10.84 10.05
N TYR A 22 -10.97 9.54 10.13
CA TYR A 22 -10.13 8.60 10.85
C TYR A 22 -9.56 7.59 9.87
N ASN A 23 -8.41 7.01 10.23
CA ASN A 23 -7.92 5.88 9.45
C ASN A 23 -7.93 4.61 10.29
N GLN A 24 -7.42 3.52 9.69
CA GLN A 24 -7.50 2.20 10.29
C GLN A 24 -6.62 2.04 11.53
N LEU A 25 -5.75 2.98 11.83
CA LEU A 25 -4.99 2.97 13.07
C LEU A 25 -5.68 3.74 14.16
N GLY A 26 -6.73 4.48 13.79
CA GLY A 26 -7.34 5.36 14.74
C GLY A 26 -6.76 6.75 14.79
N SER A 27 -5.97 7.12 13.78
CA SER A 27 -5.46 8.49 13.66
C SER A 27 -6.56 9.42 13.14
N THR A 28 -6.44 10.71 13.47
CA THR A 28 -7.46 11.72 13.22
C THR A 28 -6.89 12.74 12.24
N PHE A 29 -7.55 12.90 11.07
CA PHE A 29 -7.09 13.75 9.96
C PHE A 29 -8.16 14.84 9.78
N ILE A 30 -7.84 16.06 10.19
CA ILE A 30 -8.76 17.21 10.15
C ILE A 30 -8.29 18.10 9.02
N VAL A 31 -9.11 18.23 7.97
CA VAL A 31 -8.64 18.83 6.72
C VAL A 31 -9.67 19.80 6.18
N THR A 32 -9.18 20.92 5.64
CA THR A 32 -10.01 21.84 4.86
C THR A 32 -9.46 21.89 3.44
N ALA A 33 -10.32 21.64 2.47
CA ALA A 33 -9.96 21.75 1.07
C ALA A 33 -10.37 23.13 0.60
N GLY A 34 -9.39 23.92 0.22
CA GLY A 34 -9.67 25.28 -0.20
C GLY A 34 -10.13 25.32 -1.62
N ALA A 35 -10.60 26.51 -2.02
CA ALA A 35 -11.23 26.64 -3.32
C ALA A 35 -10.23 26.55 -4.46
N ASP A 36 -8.96 26.80 -4.17
CA ASP A 36 -7.85 26.90 -5.12
C ASP A 36 -6.95 25.66 -5.14
N GLY A 37 -7.36 24.56 -4.51
CA GLY A 37 -6.60 23.33 -4.54
C GLY A 37 -5.79 23.08 -3.30
N ALA A 38 -5.84 23.98 -2.33
CA ALA A 38 -5.08 23.85 -1.10
C ALA A 38 -5.74 22.84 -0.16
N LEU A 39 -4.89 22.09 0.54
CA LEU A 39 -5.29 21.31 1.70
C LEU A 39 -4.54 21.86 2.90
N THR A 40 -5.27 22.10 3.99
CA THR A 40 -4.71 22.52 5.27
C THR A 40 -5.39 21.72 6.39
N GLY A 41 -4.72 21.60 7.53
CA GLY A 41 -5.37 21.04 8.69
C GLY A 41 -4.37 20.51 9.70
N THR A 42 -4.82 19.50 10.45
CA THR A 42 -4.02 18.88 11.48
C THR A 42 -4.13 17.37 11.38
N TYR A 43 -3.15 16.71 11.99
CA TYR A 43 -3.05 15.28 11.95
C TYR A 43 -2.65 14.86 13.34
N GLU A 44 -3.41 13.94 13.93
CA GLU A 44 -3.05 13.27 15.18
C GLU A 44 -2.86 11.79 14.89
N SER A 45 -1.67 11.26 15.14
CA SER A 45 -1.38 9.86 14.87
C SER A 45 -1.58 9.04 16.13
N ALA A 46 -2.25 7.88 15.99
CA ALA A 46 -2.40 6.92 17.09
C ALA A 46 -1.20 6.00 17.18
N ALA A 47 -0.27 6.12 16.26
CA ALA A 47 0.87 5.24 16.13
C ALA A 47 2.13 6.10 16.08
N GLY A 48 3.19 5.58 16.68
CA GLY A 48 4.52 6.08 16.47
C GLY A 48 4.89 7.09 17.52
N LYS A 49 5.97 7.80 17.20
CA LYS A 49 6.53 8.82 18.09
C LYS A 49 5.81 10.13 17.78
N ALA A 50 4.59 10.23 18.33
CA ALA A 50 3.74 11.39 18.06
C ALA A 50 2.79 11.60 19.23
N GLU A 51 2.43 12.86 19.43
CA GLU A 51 1.66 13.32 20.57
C GLU A 51 0.82 14.47 20.08
N SER A 52 -0.48 14.42 20.31
CA SER A 52 -1.33 15.58 20.01
C SER A 52 -1.28 15.91 18.51
N ARG A 53 -1.63 17.13 18.13
CA ARG A 53 -1.86 17.47 16.72
C ARG A 53 -0.61 18.04 16.06
N TYR A 54 -0.42 17.73 14.76
CA TYR A 54 0.65 18.28 13.92
C TYR A 54 0.03 19.01 12.73
N VAL A 55 0.68 20.09 12.30
CA VAL A 55 0.27 20.79 11.08
C VAL A 55 0.44 19.90 9.85
N LEU A 56 -0.52 19.98 8.94
CA LEU A 56 -0.35 19.38 7.61
C LEU A 56 -0.69 20.40 6.55
N THR A 57 -0.11 20.21 5.37
CA THR A 57 -0.49 20.98 4.20
C THR A 57 -0.40 20.08 2.98
N GLY A 58 -1.23 20.35 1.98
CA GLY A 58 -1.24 19.50 0.80
C GLY A 58 -1.96 20.16 -0.36
N ARG A 59 -2.24 19.38 -1.39
CA ARG A 59 -2.89 19.86 -2.61
C ARG A 59 -3.83 18.79 -3.14
N TYR A 60 -4.87 19.23 -3.84
CA TYR A 60 -5.80 18.28 -4.45
C TYR A 60 -6.23 18.80 -5.81
N ASP A 61 -6.64 17.90 -6.71
CA ASP A 61 -7.22 18.27 -8.01
C ASP A 61 -8.60 18.87 -7.79
N SER A 62 -8.69 20.21 -7.91
CA SER A 62 -9.91 20.98 -7.81
C SER A 62 -10.84 20.85 -9.02
N ALA A 63 -10.48 20.13 -10.08
CA ALA A 63 -11.39 19.90 -11.20
C ALA A 63 -11.18 18.50 -11.75
N PRO A 64 -11.69 17.48 -11.05
CA PRO A 64 -11.39 16.10 -11.45
C PRO A 64 -12.21 15.70 -12.66
N ALA A 65 -11.86 14.56 -13.24
CA ALA A 65 -12.60 14.04 -14.37
C ALA A 65 -14.02 13.68 -13.94
N THR A 66 -14.93 13.67 -14.91
CA THR A 66 -16.34 13.40 -14.68
C THR A 66 -16.72 11.96 -15.00
N ASP A 67 -15.74 11.08 -15.10
CA ASP A 67 -15.97 9.74 -15.59
C ASP A 67 -16.12 8.72 -14.48
N GLY A 68 -16.28 9.18 -13.23
CA GLY A 68 -16.33 8.30 -12.09
C GLY A 68 -15.01 8.10 -11.40
N SER A 69 -13.91 8.65 -11.92
CA SER A 69 -12.61 8.54 -11.28
C SER A 69 -12.58 9.34 -9.97
N GLY A 70 -11.79 8.90 -9.01
CA GLY A 70 -11.64 9.69 -7.80
C GLY A 70 -10.82 10.97 -8.03
N THR A 71 -10.63 11.74 -6.94
CA THR A 71 -9.93 13.03 -6.97
C THR A 71 -8.51 12.88 -6.41
N ALA A 72 -7.48 13.11 -7.25
CA ALA A 72 -6.10 12.95 -6.75
C ALA A 72 -5.79 13.98 -5.66
N LEU A 73 -5.01 13.57 -4.67
CA LEU A 73 -4.58 14.53 -3.66
C LEU A 73 -3.33 14.02 -2.97
N GLY A 74 -2.73 14.90 -2.17
CA GLY A 74 -1.61 14.54 -1.30
C GLY A 74 -1.42 15.54 -0.19
N TRP A 75 -0.77 15.12 0.90
CA TRP A 75 -0.39 16.09 1.93
C TRP A 75 0.83 15.58 2.69
N THR A 76 1.42 16.48 3.46
CA THR A 76 2.62 16.23 4.24
C THR A 76 2.39 16.56 5.70
N VAL A 77 2.89 15.72 6.61
CA VAL A 77 3.10 16.10 8.02
C VAL A 77 4.59 15.98 8.32
N ALA A 78 5.20 17.05 8.88
CA ALA A 78 6.48 16.93 9.56
C ALA A 78 6.22 16.76 11.04
N TRP A 79 6.85 15.75 11.63
CA TRP A 79 6.54 15.26 12.98
C TRP A 79 7.24 16.05 14.09
N LYS A 80 7.16 17.36 13.98
CA LYS A 80 7.58 18.27 15.00
C LYS A 80 6.36 19.07 15.40
N ASN A 81 6.08 19.11 16.70
CA ASN A 81 5.11 20.07 17.20
C ASN A 81 5.66 20.63 18.51
N ASN A 82 4.79 21.21 19.34
CA ASN A 82 5.28 21.77 20.58
C ASN A 82 5.56 20.71 21.63
N TYR A 83 5.20 19.45 21.39
CA TYR A 83 5.37 18.39 22.36
C TYR A 83 6.55 17.49 22.03
N ARG A 84 6.73 17.18 20.76
CA ARG A 84 7.66 16.14 20.40
C ARG A 84 8.22 16.44 19.02
N ASN A 85 9.42 15.93 18.76
CA ASN A 85 10.01 16.08 17.44
C ASN A 85 10.61 14.72 17.08
N ALA A 86 9.97 14.03 16.13
CA ALA A 86 10.43 12.73 15.68
C ALA A 86 11.33 12.80 14.44
N HIS A 87 11.80 13.99 14.05
CA HIS A 87 12.79 14.15 12.97
C HIS A 87 12.42 13.34 11.74
N SER A 88 11.18 13.48 11.32
CA SER A 88 10.70 12.69 10.21
C SER A 88 9.48 13.40 9.62
N ALA A 89 9.10 12.96 8.42
CA ALA A 89 7.98 13.56 7.72
C ALA A 89 7.27 12.47 6.93
N THR A 90 5.94 12.47 6.96
CA THR A 90 5.18 11.53 6.14
C THR A 90 4.50 12.30 5.01
N THR A 91 4.47 11.71 3.81
CA THR A 91 3.61 12.23 2.78
C THR A 91 2.63 11.15 2.38
N TRP A 92 1.36 11.51 2.37
CA TRP A 92 0.30 10.66 1.88
C TRP A 92 -0.07 11.09 0.48
N SER A 93 -0.16 10.12 -0.42
CA SER A 93 -0.56 10.30 -1.81
C SER A 93 -1.73 9.36 -2.11
N GLY A 94 -2.78 9.90 -2.68
CA GLY A 94 -3.90 9.01 -2.92
C GLY A 94 -5.05 9.72 -3.58
N GLN A 95 -6.30 9.29 -3.31
CA GLN A 95 -7.39 9.97 -3.96
C GLN A 95 -8.62 9.92 -3.12
N TYR A 96 -9.47 10.93 -3.30
CA TYR A 96 -10.78 10.98 -2.62
C TYR A 96 -11.80 10.34 -3.53
N VAL A 97 -12.63 9.46 -2.95
CA VAL A 97 -13.68 8.78 -3.67
C VAL A 97 -14.97 9.10 -2.94
N GLY A 98 -15.86 9.85 -3.61
CA GLY A 98 -17.09 10.26 -3.00
C GLY A 98 -18.17 9.19 -3.09
N GLY A 99 -19.30 9.51 -2.57
CA GLY A 99 -20.44 8.61 -2.63
C GLY A 99 -20.95 8.33 -1.24
N ALA A 100 -21.85 7.33 -1.15
CA ALA A 100 -22.53 7.04 0.12
C ALA A 100 -21.54 6.77 1.24
N GLU A 101 -20.51 5.97 0.99
CA GLU A 101 -19.40 5.75 1.94
C GLU A 101 -18.10 6.32 1.33
N ALA A 102 -17.86 7.63 1.52
CA ALA A 102 -16.67 8.25 0.95
C ALA A 102 -15.42 7.75 1.65
N ARG A 103 -14.30 7.73 0.90
CA ARG A 103 -13.05 7.19 1.40
C ARG A 103 -11.99 8.09 0.86
N ILE A 104 -10.91 8.21 1.61
CA ILE A 104 -9.67 8.71 1.01
C ILE A 104 -8.69 7.55 1.08
N ASN A 105 -8.27 7.06 -0.07
CA ASN A 105 -7.42 5.88 -0.15
C ASN A 105 -6.00 6.39 -0.46
N THR A 106 -5.03 6.05 0.38
CA THR A 106 -3.68 6.59 0.26
C THR A 106 -2.62 5.50 0.38
N GLN A 107 -1.46 5.75 -0.23
CA GLN A 107 -0.16 5.17 0.11
C GLN A 107 0.73 6.29 0.65
N TRP A 108 1.69 5.91 1.48
CA TRP A 108 2.47 6.95 2.14
C TRP A 108 3.94 6.58 2.22
N LEU A 109 4.79 7.62 2.33
CA LEU A 109 6.23 7.48 2.49
C LEU A 109 6.63 8.25 3.73
N LEU A 110 7.31 7.57 4.66
CA LEU A 110 7.72 8.23 5.91
C LEU A 110 9.25 8.23 5.97
N THR A 111 9.85 9.41 5.79
CA THR A 111 11.32 9.54 5.74
C THR A 111 11.80 10.12 7.06
N SER A 112 12.80 9.51 7.66
CA SER A 112 13.48 10.03 8.84
C SER A 112 14.83 10.64 8.49
N GLY A 113 15.20 11.71 9.21
CA GLY A 113 16.58 12.21 9.12
C GLY A 113 17.57 11.08 9.35
N ALA A 114 18.58 10.97 8.48
CA ALA A 114 19.49 9.84 8.54
C ALA A 114 20.87 10.37 8.24
N THR A 115 21.89 9.67 8.76
CA THR A 115 23.26 9.84 8.30
C THR A 115 23.50 9.03 7.02
N GLU A 116 24.69 9.20 6.42
CA GLU A 116 24.98 8.44 5.21
C GLU A 116 24.98 6.94 5.51
N ALA A 117 25.47 6.55 6.68
CA ALA A 117 25.49 5.15 7.05
C ALA A 117 24.09 4.58 7.20
N ASN A 118 23.13 5.38 7.63
CA ASN A 118 21.77 4.92 7.92
C ASN A 118 20.78 5.23 6.81
N GLY A 119 21.19 5.90 5.74
CA GLY A 119 20.23 6.40 4.79
C GLY A 119 19.46 5.30 4.07
N TRP A 120 20.09 4.15 3.85
CA TRP A 120 19.40 3.05 3.17
C TRP A 120 18.13 2.63 3.89
N ALA A 121 18.09 2.79 5.21
CA ALA A 121 16.93 2.45 6.05
C ALA A 121 16.08 3.68 6.43
N SER A 122 16.20 4.79 5.74
CA SER A 122 15.56 6.00 6.24
C SER A 122 14.06 6.13 5.91
N THR A 123 13.49 5.28 5.04
CA THR A 123 12.10 5.46 4.57
C THR A 123 11.25 4.25 4.80
N LEU A 124 10.13 4.45 5.52
CA LEU A 124 8.99 3.52 5.65
C LEU A 124 7.88 3.83 4.63
N VAL A 125 7.18 2.78 4.21
CA VAL A 125 6.12 2.87 3.23
C VAL A 125 4.91 2.07 3.76
N GLY A 126 3.71 2.58 3.49
CA GLY A 126 2.51 1.90 3.97
C GLY A 126 1.30 2.40 3.21
N HIS A 127 0.13 2.03 3.70
CA HIS A 127 -1.13 2.48 3.09
C HIS A 127 -2.21 2.68 4.16
N ASP A 128 -2.88 3.81 4.08
CA ASP A 128 -3.94 4.18 5.01
C ASP A 128 -5.22 4.44 4.22
N THR A 129 -6.33 3.95 4.74
CA THR A 129 -7.67 4.28 4.28
C THR A 129 -8.38 5.12 5.32
N PHE A 130 -8.95 6.22 4.85
CA PHE A 130 -9.60 7.18 5.72
C PHE A 130 -11.10 7.11 5.46
N THR A 131 -11.92 7.18 6.54
CA THR A 131 -13.34 7.34 6.39
C THR A 131 -13.76 8.56 7.22
N LYS A 132 -14.84 9.18 6.81
CA LYS A 132 -15.22 10.47 7.36
C LYS A 132 -16.20 10.32 8.53
N VAL A 133 -16.06 11.17 9.55
CA VAL A 133 -16.89 11.10 10.73
C VAL A 133 -17.61 12.42 10.95
N LYS A 134 -18.82 12.36 11.51
CA LYS A 134 -19.71 13.56 11.67
C LYS A 134 -19.28 14.61 12.71
N ASP B 13 4.96 -22.49 9.50
CA ASP B 13 4.07 -21.79 8.58
C ASP B 13 4.12 -22.44 7.21
N GLU B 14 4.95 -23.47 7.09
CA GLU B 14 4.99 -24.25 5.86
C GLU B 14 3.58 -24.75 5.51
N ALA B 15 2.96 -25.49 6.44
CA ALA B 15 1.57 -25.90 6.27
C ALA B 15 0.62 -24.70 6.15
N GLY B 16 0.89 -23.62 6.89
CA GLY B 16 0.05 -22.44 6.79
C GLY B 16 0.18 -21.72 5.45
N ILE B 17 1.41 -21.48 5.00
CA ILE B 17 1.60 -20.65 3.81
C ILE B 17 1.18 -21.40 2.54
N THR B 18 1.55 -22.67 2.44
CA THR B 18 1.17 -23.48 1.29
C THR B 18 -0.34 -23.57 1.13
N GLY B 19 -0.83 -23.25 -0.06
CA GLY B 19 -2.24 -23.31 -0.37
C GLY B 19 -2.58 -22.46 -1.58
N THR B 20 -3.89 -22.27 -1.77
CA THR B 20 -4.42 -21.37 -2.80
C THR B 20 -4.97 -20.13 -2.10
N TRP B 21 -4.45 -18.98 -2.47
CA TRP B 21 -4.87 -17.71 -1.91
C TRP B 21 -5.49 -16.83 -2.99
N TYR B 22 -6.25 -15.84 -2.54
CA TYR B 22 -6.99 -14.92 -3.42
C TYR B 22 -6.84 -13.53 -2.85
N ASN B 23 -6.54 -12.55 -3.70
CA ASN B 23 -6.49 -11.20 -3.18
C ASN B 23 -7.81 -10.45 -3.39
N GLN B 24 -7.83 -9.18 -2.96
CA GLN B 24 -9.01 -8.34 -3.09
C GLN B 24 -9.44 -8.11 -4.55
N LEU B 25 -8.56 -8.34 -5.52
CA LEU B 25 -8.94 -8.23 -6.92
C LEU B 25 -9.57 -9.51 -7.49
N GLY B 26 -9.55 -10.61 -6.77
CA GLY B 26 -9.93 -11.85 -7.37
C GLY B 26 -8.81 -12.60 -8.03
N SER B 27 -7.57 -12.15 -7.89
CA SER B 27 -6.42 -12.90 -8.37
C SER B 27 -6.16 -14.12 -7.53
N THR B 28 -5.62 -15.15 -8.18
CA THR B 28 -5.32 -16.44 -7.58
C THR B 28 -3.81 -16.69 -7.53
N PHE B 29 -3.34 -17.00 -6.31
CA PHE B 29 -1.94 -17.16 -5.91
C PHE B 29 -1.87 -18.54 -5.28
N ILE B 30 -1.29 -19.49 -6.01
CA ILE B 30 -1.16 -20.86 -5.55
C ILE B 30 0.31 -21.07 -5.23
N VAL B 31 0.62 -21.45 -4.00
CA VAL B 31 2.00 -21.41 -3.55
C VAL B 31 2.32 -22.64 -2.72
N THR B 32 3.60 -23.05 -2.79
CA THR B 32 4.16 -24.08 -1.95
C THR B 32 5.40 -23.53 -1.23
N ALA B 33 5.42 -23.66 0.09
CA ALA B 33 6.55 -23.25 0.89
C ALA B 33 7.47 -24.45 1.04
N GLY B 34 8.68 -24.31 0.52
CA GLY B 34 9.62 -25.40 0.64
C GLY B 34 10.27 -25.43 2.01
N ALA B 35 10.92 -26.55 2.27
CA ALA B 35 11.56 -26.77 3.56
C ALA B 35 12.77 -25.86 3.74
N ASP B 36 13.37 -25.43 2.64
CA ASP B 36 14.59 -24.66 2.66
C ASP B 36 14.35 -23.15 2.64
N GLY B 37 13.10 -22.72 2.86
CA GLY B 37 12.73 -21.32 2.72
C GLY B 37 12.29 -20.90 1.32
N ALA B 38 12.18 -21.85 0.39
CA ALA B 38 11.75 -21.55 -0.96
C ALA B 38 10.23 -21.31 -1.03
N LEU B 39 9.82 -20.44 -1.96
CA LEU B 39 8.42 -20.29 -2.38
C LEU B 39 8.33 -20.55 -3.88
N THR B 40 7.35 -21.35 -4.29
N THR B 40 7.40 -21.41 -4.30
CA THR B 40 7.15 -21.61 -5.71
CA THR B 40 7.13 -21.63 -5.72
C THR B 40 5.70 -21.94 -6.00
C THR B 40 5.63 -21.67 -5.94
N GLY B 41 5.24 -21.57 -7.20
CA GLY B 41 3.86 -21.85 -7.62
C GLY B 41 3.43 -20.99 -8.81
N THR B 42 2.16 -20.57 -8.79
CA THR B 42 1.56 -19.88 -9.93
C THR B 42 0.76 -18.67 -9.49
N TYR B 43 0.63 -17.70 -10.40
CA TYR B 43 -0.16 -16.51 -10.16
C TYR B 43 -1.01 -16.26 -11.38
N GLU B 44 -2.31 -16.05 -11.17
CA GLU B 44 -3.24 -15.65 -12.23
C GLU B 44 -3.87 -14.34 -11.78
N SER B 45 -3.70 -13.28 -12.57
CA SER B 45 -4.09 -11.94 -12.13
C SER B 45 -5.49 -11.63 -12.67
N ALA B 46 -6.36 -11.12 -11.81
CA ALA B 46 -7.66 -10.70 -12.34
C ALA B 46 -7.61 -9.35 -13.04
N ALA B 47 -6.46 -8.63 -13.00
CA ALA B 47 -6.32 -7.27 -13.51
C ALA B 47 -5.13 -7.18 -14.46
N GLY B 48 -5.19 -6.22 -15.39
CA GLY B 48 -4.01 -5.88 -16.18
C GLY B 48 -3.81 -6.81 -17.37
N LYS B 49 -2.63 -6.65 -17.98
CA LYS B 49 -2.28 -7.33 -19.23
C LYS B 49 -1.70 -8.71 -18.87
N ALA B 50 -2.62 -9.64 -18.59
CA ALA B 50 -2.27 -10.92 -18.02
C ALA B 50 -3.35 -11.92 -18.41
N GLU B 51 -2.94 -13.17 -18.59
CA GLU B 51 -3.79 -14.21 -19.16
C GLU B 51 -3.34 -15.55 -18.62
N SER B 52 -4.24 -16.27 -17.94
CA SER B 52 -3.96 -17.63 -17.48
C SER B 52 -2.82 -17.55 -16.48
N ARG B 53 -2.08 -18.62 -16.22
CA ARG B 53 -1.20 -18.62 -15.04
C ARG B 53 0.22 -18.15 -15.40
N TYR B 54 0.92 -17.57 -14.42
CA TYR B 54 2.32 -17.19 -14.55
C TYR B 54 3.14 -17.92 -13.48
N VAL B 55 4.38 -18.29 -13.83
CA VAL B 55 5.30 -18.85 -12.85
C VAL B 55 5.66 -17.79 -11.82
N LEU B 56 5.84 -18.19 -10.56
CA LEU B 56 6.43 -17.31 -9.55
C LEU B 56 7.49 -18.07 -8.75
N THR B 57 8.35 -17.30 -8.08
CA THR B 57 9.28 -17.87 -7.13
C THR B 57 9.57 -16.83 -6.05
N GLY B 58 9.88 -17.29 -4.86
CA GLY B 58 10.29 -16.35 -3.83
C GLY B 58 10.91 -17.06 -2.64
N ARG B 59 10.87 -16.37 -1.48
CA ARG B 59 11.54 -16.83 -0.27
C ARG B 59 10.72 -16.42 0.93
N TYR B 60 10.80 -17.17 2.02
CA TYR B 60 10.10 -16.76 3.24
C TYR B 60 10.98 -17.10 4.43
N ASP B 61 10.78 -16.43 5.56
CA ASP B 61 11.55 -16.74 6.76
C ASP B 61 11.08 -18.10 7.31
N SER B 62 11.85 -19.16 7.06
CA SER B 62 11.49 -20.50 7.50
C SER B 62 11.74 -20.75 9.00
N ALA B 63 12.14 -19.75 9.79
CA ALA B 63 12.26 -19.88 11.25
C ALA B 63 11.90 -18.55 11.91
N PRO B 64 10.60 -18.21 11.96
CA PRO B 64 10.20 -16.89 12.46
C PRO B 64 10.23 -16.81 13.97
N ALA B 65 10.15 -15.58 14.45
CA ALA B 65 10.05 -15.35 15.88
C ALA B 65 8.79 -16.01 16.45
N THR B 66 8.86 -16.36 17.72
CA THR B 66 7.72 -16.97 18.38
C THR B 66 7.17 -15.97 19.37
N ASP B 67 6.73 -14.83 18.85
CA ASP B 67 6.34 -13.72 19.72
C ASP B 67 5.06 -13.05 19.23
N GLY B 68 4.34 -13.65 18.30
CA GLY B 68 3.18 -13.02 17.71
C GLY B 68 3.46 -12.23 16.45
N SER B 69 4.68 -12.26 15.93
CA SER B 69 5.01 -11.63 14.66
C SER B 69 4.66 -12.52 13.47
N GLY B 70 4.37 -11.87 12.35
CA GLY B 70 4.17 -12.58 11.12
C GLY B 70 5.48 -13.10 10.57
N THR B 71 5.36 -13.79 9.45
CA THR B 71 6.47 -14.48 8.82
C THR B 71 6.83 -13.72 7.55
N ALA B 72 8.01 -13.12 7.51
CA ALA B 72 8.38 -12.31 6.35
C ALA B 72 8.51 -13.17 5.10
N LEU B 73 8.14 -12.60 3.95
CA LEU B 73 8.19 -13.33 2.69
C LEU B 73 8.09 -12.37 1.52
N GLY B 74 8.42 -12.88 0.32
CA GLY B 74 8.31 -12.12 -0.92
C GLY B 74 8.39 -13.08 -2.11
N TRP B 75 7.91 -12.63 -3.26
CA TRP B 75 7.94 -13.47 -4.44
C TRP B 75 7.79 -12.60 -5.67
N THR B 76 8.18 -13.17 -6.81
CA THR B 76 8.24 -12.39 -8.03
C THR B 76 7.44 -13.05 -9.14
N VAL B 77 6.76 -12.25 -9.95
CA VAL B 77 6.16 -12.75 -11.18
C VAL B 77 6.66 -11.91 -12.33
N ALA B 78 7.22 -12.55 -13.34
CA ALA B 78 7.51 -11.90 -14.60
C ALA B 78 6.36 -12.21 -15.56
N TRP B 79 5.77 -11.18 -16.14
CA TRP B 79 4.48 -11.36 -16.78
C TRP B 79 4.65 -11.83 -18.22
N LYS B 80 5.30 -12.99 -18.34
CA LYS B 80 5.39 -13.67 -19.62
C LYS B 80 4.91 -15.09 -19.39
N ASN B 81 4.06 -15.57 -20.28
CA ASN B 81 3.77 -16.99 -20.36
C ASN B 81 3.58 -17.32 -21.85
N ASN B 82 2.96 -18.45 -22.15
CA ASN B 82 2.73 -18.82 -23.54
C ASN B 82 1.55 -18.11 -24.17
N TYR B 83 0.85 -17.27 -23.43
CA TYR B 83 -0.29 -16.52 -23.95
C TYR B 83 0.06 -15.07 -24.23
N ARG B 84 0.90 -14.49 -23.39
CA ARG B 84 1.08 -13.04 -23.40
C ARG B 84 2.38 -12.67 -22.72
N ASN B 85 2.91 -11.52 -23.11
CA ASN B 85 4.08 -10.97 -22.46
C ASN B 85 3.84 -9.47 -22.27
N ALA B 86 3.75 -9.04 -21.01
CA ALA B 86 3.53 -7.64 -20.64
C ALA B 86 4.82 -6.90 -20.31
N HIS B 87 5.99 -7.51 -20.55
CA HIS B 87 7.26 -6.81 -20.44
C HIS B 87 7.37 -6.11 -19.09
N SER B 88 7.01 -6.83 -18.03
CA SER B 88 6.94 -6.26 -16.69
C SER B 88 7.13 -7.39 -15.70
N ALA B 89 7.47 -7.03 -14.45
CA ALA B 89 7.57 -8.01 -13.39
C ALA B 89 7.01 -7.37 -12.12
N THR B 90 6.26 -8.14 -11.34
CA THR B 90 5.83 -7.64 -10.04
C THR B 90 6.56 -8.37 -8.93
N THR B 91 6.99 -7.64 -7.89
CA THR B 91 7.44 -8.27 -6.64
C THR B 91 6.49 -7.92 -5.50
N TRP B 92 6.03 -8.94 -4.78
CA TRP B 92 5.25 -8.74 -3.56
C TRP B 92 6.16 -8.97 -2.37
N SER B 93 6.19 -8.00 -1.44
CA SER B 93 6.94 -8.11 -0.19
C SER B 93 5.97 -7.98 0.98
N GLY B 94 5.99 -8.92 1.92
CA GLY B 94 4.93 -8.91 2.92
C GLY B 94 5.18 -9.88 4.04
N GLN B 95 4.10 -10.30 4.70
CA GLN B 95 4.25 -11.35 5.70
C GLN B 95 2.96 -12.13 5.80
N TYR B 96 3.14 -13.39 6.20
CA TYR B 96 2.07 -14.32 6.50
C TYR B 96 1.67 -14.18 7.96
N VAL B 97 0.37 -14.19 8.21
CA VAL B 97 -0.18 -14.19 9.56
C VAL B 97 -1.15 -15.36 9.67
N GLY B 98 -0.85 -16.29 10.58
CA GLY B 98 -1.60 -17.52 10.67
C GLY B 98 -2.77 -17.38 11.60
N GLY B 99 -3.40 -18.50 11.88
CA GLY B 99 -4.55 -18.52 12.75
C GLY B 99 -5.83 -18.74 11.98
N ALA B 100 -6.94 -18.35 12.62
CA ALA B 100 -8.28 -18.73 12.18
C ALA B 100 -8.51 -18.32 10.73
N GLU B 101 -8.45 -17.03 10.47
CA GLU B 101 -8.47 -16.54 9.10
C GLU B 101 -7.05 -15.99 8.85
N ALA B 102 -6.19 -16.86 8.34
CA ALA B 102 -4.84 -16.50 7.96
C ALA B 102 -4.88 -15.52 6.82
N ARG B 103 -3.89 -14.59 6.81
CA ARG B 103 -3.82 -13.57 5.79
C ARG B 103 -2.37 -13.53 5.34
N ILE B 104 -2.15 -13.11 4.12
CA ILE B 104 -0.83 -12.63 3.69
C ILE B 104 -1.01 -11.19 3.31
N ASN B 105 -0.29 -10.30 4.02
CA ASN B 105 -0.37 -8.86 3.82
C ASN B 105 0.88 -8.42 3.05
N THR B 106 0.67 -7.77 1.89
CA THR B 106 1.79 -7.40 1.02
C THR B 106 1.69 -5.96 0.53
N GLN B 107 2.84 -5.42 0.14
CA GLN B 107 2.96 -4.25 -0.72
C GLN B 107 3.68 -4.72 -1.96
N TRP B 108 3.49 -4.06 -3.10
CA TRP B 108 4.12 -4.60 -4.31
C TRP B 108 4.67 -3.49 -5.20
N LEU B 109 5.61 -3.88 -6.06
CA LEU B 109 6.26 -3.02 -7.03
C LEU B 109 6.17 -3.70 -8.39
N LEU B 110 5.68 -2.99 -9.40
CA LEU B 110 5.50 -3.54 -10.73
C LEU B 110 6.31 -2.69 -11.71
N THR B 111 7.45 -3.22 -12.18
CA THR B 111 8.35 -2.47 -13.06
C THR B 111 8.12 -2.94 -14.49
N SER B 112 7.95 -2.00 -15.41
CA SER B 112 7.86 -2.38 -16.81
C SER B 112 9.16 -2.02 -17.51
N GLY B 113 9.50 -2.78 -18.55
CA GLY B 113 10.67 -2.42 -19.36
C GLY B 113 10.48 -1.04 -19.96
N ALA B 114 11.54 -0.22 -19.94
CA ALA B 114 11.38 1.17 -20.33
C ALA B 114 12.65 1.70 -20.98
N THR B 115 12.49 2.75 -21.75
CA THR B 115 13.61 3.46 -22.34
C THR B 115 14.07 4.52 -21.35
N GLU B 116 15.24 5.11 -21.58
CA GLU B 116 15.70 6.05 -20.58
C GLU B 116 14.79 7.27 -20.53
N ALA B 117 14.13 7.62 -21.63
CA ALA B 117 13.15 8.71 -21.57
C ALA B 117 11.89 8.31 -20.82
N ASN B 118 11.60 7.01 -20.73
CA ASN B 118 10.40 6.48 -20.08
C ASN B 118 10.58 6.11 -18.63
N GLY B 119 11.82 6.01 -18.15
CA GLY B 119 12.09 5.28 -16.92
C GLY B 119 11.43 5.87 -15.70
N TRP B 120 11.28 7.21 -15.66
CA TRP B 120 10.66 7.85 -14.51
C TRP B 120 9.28 7.27 -14.24
N ALA B 121 8.60 6.77 -15.26
CA ALA B 121 7.24 6.28 -15.05
C ALA B 121 7.13 4.76 -15.15
N SER B 122 8.22 4.04 -14.90
CA SER B 122 8.25 2.60 -15.19
C SER B 122 7.72 1.70 -14.05
N THR B 123 7.48 2.23 -12.85
CA THR B 123 7.18 1.41 -11.66
C THR B 123 5.86 1.83 -10.99
N LEU B 124 4.93 0.88 -10.93
CA LEU B 124 3.67 1.01 -10.21
C LEU B 124 3.83 0.41 -8.82
N VAL B 125 3.12 0.97 -7.84
CA VAL B 125 3.20 0.47 -6.46
C VAL B 125 1.77 0.24 -5.93
N GLY B 126 1.58 -0.82 -5.15
CA GLY B 126 0.28 -1.07 -4.54
C GLY B 126 0.37 -1.98 -3.33
N HIS B 127 -0.80 -2.48 -2.90
CA HIS B 127 -0.86 -3.37 -1.76
C HIS B 127 -2.01 -4.34 -2.01
N ASP B 128 -1.71 -5.62 -1.78
CA ASP B 128 -2.61 -6.73 -1.92
C ASP B 128 -2.69 -7.48 -0.59
N THR B 129 -3.90 -7.88 -0.23
CA THR B 129 -4.08 -8.74 0.92
C THR B 129 -4.72 -10.04 0.47
N PHE B 130 -4.14 -11.16 0.89
CA PHE B 130 -4.50 -12.48 0.42
C PHE B 130 -5.16 -13.24 1.56
N THR B 131 -6.25 -13.95 1.26
CA THR B 131 -6.84 -14.93 2.16
C THR B 131 -7.15 -16.20 1.38
N LYS B 132 -7.42 -17.30 2.06
CA LYS B 132 -7.76 -18.54 1.39
C LYS B 132 -9.25 -18.65 1.06
N VAL B 133 -10.04 -17.59 1.23
CA VAL B 133 -11.45 -17.66 0.88
C VAL B 133 -11.63 -17.49 -0.63
N LYS B 134 -12.29 -18.48 -1.26
CA LYS B 134 -12.60 -18.47 -2.70
C LYS B 134 -13.68 -17.45 -2.99
N PRO B 135 -13.39 -16.38 -3.76
CA PRO B 135 -14.43 -15.38 -4.06
C PRO B 135 -15.67 -15.95 -4.75
N SER B 136 -16.66 -15.10 -4.97
CA SER B 136 -17.87 -15.49 -5.69
C SER B 136 -18.39 -14.38 -6.59
C01 HL9 C . 2.78 7.13 10.86
C05 HL9 C . -0.72 7.00 10.60
C08 HL9 C . 1.49 6.20 10.91
C10 HL9 C . 1.08 5.98 9.41
C12 HL9 C . 2.00 6.82 8.52
C14 HL9 C . 3.09 7.95 12.12
C15 HL9 C . 4.54 8.54 12.16
C16 HL9 C . 4.82 9.07 13.57
C17 HL9 C . 6.26 9.65 13.57
C18 HL9 C . 9.44 7.55 13.49
C19 HL9 C . 10.83 8.11 13.82
C20 HL9 C . 9.43 6.56 12.33
C21 HL9 C . 10.51 5.51 12.57
C22 HL9 C . 12.07 7.29 13.40
C23 HL9 C . 7.28 8.54 13.78
C24 HL9 C . 12.79 5.68 11.62
C25 HL9 C . 14.16 6.02 11.74
C26 HL9 C . 12.45 4.83 10.53
C27 HL9 C . 13.43 4.39 9.65
C28 HL9 C . 15.06 5.54 10.81
N02 HL9 C . -0.27 6.54 9.36
N06 HL9 C . 0.30 6.81 11.50
N09 HL9 C . 8.50 8.62 13.19
N11 HL9 C . 11.83 6.13 12.52
N13 HL9 C . 14.74 4.74 9.78
O03 HL9 C . -1.83 7.54 10.84
O07 HL9 C . 7.05 7.58 14.52
S04 HL9 C . 2.47 8.28 9.50
C1 EDO D . -14.06 13.45 -18.04
O1 EDO D . -13.92 14.74 -17.43
C2 EDO D . -14.48 13.64 -19.48
O2 EDO D . -13.41 14.30 -20.20
C1 EDO E . -14.90 18.42 18.85
O1 EDO E . -13.78 17.70 18.32
C2 EDO E . -16.04 18.44 17.83
O2 EDO E . -16.15 17.16 17.19
C01 HL9 F . -0.93 -6.49 -11.26
C05 HL9 F . -2.73 -8.35 -8.89
C08 HL9 F . -2.19 -6.55 -10.30
C10 HL9 F . -1.70 -6.22 -8.84
C12 HL9 F . -0.14 -6.17 -8.86
C14 HL9 F . -1.15 -7.19 -12.63
C15 HL9 F . 0.07 -7.02 -13.56
C16 HL9 F . -0.25 -7.51 -14.96
C17 HL9 F . 0.85 -7.20 -15.99
C18 HL9 F . 1.55 -3.63 -17.20
C19 HL9 F . 2.23 -3.49 -18.55
C20 HL9 F . 2.15 -2.62 -16.22
C21 HL9 F . 2.01 -1.19 -16.74
C22 HL9 F . 2.17 -2.04 -19.06
C23 HL9 F . 0.62 -5.78 -16.47
C24 HL9 F . 3.38 0.00 -18.44
C25 HL9 F . 3.43 0.46 -19.78
C26 HL9 F . 4.20 0.63 -17.52
C27 HL9 F . 5.02 1.66 -17.93
C28 HL9 F . 4.29 1.49 -20.08
N02 HL9 F . -2.12 -7.39 -8.10
N06 HL9 F . -2.79 -7.88 -10.15
N09 HL9 F . 1.73 -5.01 -16.72
N11 HL9 F . 2.55 -1.04 -18.09
N13 HL9 F . 5.07 2.11 -19.19
O03 HL9 F . -3.17 -9.41 -8.51
O07 HL9 F . -0.53 -5.37 -16.60
S04 HL9 F . 0.38 -7.25 -10.23
C1 EDO G . 15.55 2.09 -17.22
O1 EDO G . 14.79 3.28 -17.43
C2 EDO G . 15.67 1.90 -15.72
O2 EDO G . 14.69 2.73 -15.08
C1 GOL H . 0.30 -4.37 5.02
O1 GOL H . 0.09 -4.33 3.65
C2 GOL H . 1.82 -4.26 5.23
O2 GOL H . 2.54 -5.14 4.35
C3 GOL H . 2.13 -2.73 5.03
O3 GOL H . 2.92 -2.23 6.13
#